data_5WYQ
#
_entry.id   5WYQ
#
_cell.length_a   85.896
_cell.length_b   85.896
_cell.length_c   147.838
_cell.angle_alpha   90.00
_cell.angle_beta   90.00
_cell.angle_gamma   120.00
#
_symmetry.space_group_name_H-M   'P 32 2 1'
#
loop_
_entity.id
_entity.type
_entity.pdbx_description
1 polymer 'tRNA (guanine-N(1)-)-methyltransferase'
2 non-polymer S-ADENOSYLMETHIONINE
3 water water
#
_entity_poly.entity_id   1
_entity_poly.type   'polypeptide(L)'
_entity_poly.pdbx_seq_one_letter_code
;SMLWVGVVSIFPEMFRAISDYGITSRAVKQGLLTLTCWNPRVYTEDRHQTVDDRPFGGGPGMVMKIKPLEGALADARQAA
GGRKAKVIYLSPQGRQLTQAGVRELAEEEALILIAGRYEGIDERFIEEHVDEEWSIGDYVLSGGELPAMVLVDAVTRLLP
GALGHADSAEEDSFTDGLLDCPHYTRPEVYADKRVPEVLLSGNHEHIRRWRLQQALGRTWERRADLLDSRSLSGEEQKLL
AEYIRQRD
;
_entity_poly.pdbx_strand_id   A,B
#
# COMPACT_ATOMS: atom_id res chain seq x y z
N SER A 1 -3.05 7.78 -23.04
CA SER A 1 -2.63 8.95 -23.78
C SER A 1 -2.09 10.01 -22.86
N MET A 2 -2.82 10.37 -21.82
CA MET A 2 -2.29 11.36 -20.92
C MET A 2 -1.11 10.71 -20.20
N LEU A 3 -1.28 9.49 -19.76
CA LEU A 3 -0.23 8.77 -19.09
C LEU A 3 -0.18 7.35 -19.58
N TRP A 4 1.00 6.87 -19.89
CA TRP A 4 1.22 5.50 -20.39
C TRP A 4 1.94 4.72 -19.28
N VAL A 5 1.48 3.51 -18.95
CA VAL A 5 2.05 2.71 -17.90
C VAL A 5 2.37 1.31 -18.37
N GLY A 6 3.63 0.92 -18.20
CA GLY A 6 4.10 -0.42 -18.54
C GLY A 6 4.44 -1.14 -17.26
N VAL A 7 3.93 -2.35 -17.09
CA VAL A 7 4.20 -3.10 -15.88
C VAL A 7 4.95 -4.39 -16.20
N VAL A 8 6.13 -4.56 -15.57
CA VAL A 8 6.92 -5.78 -15.66
C VAL A 8 6.58 -6.64 -14.45
N SER A 9 5.88 -7.73 -14.70
CA SER A 9 5.36 -8.63 -13.67
C SER A 9 5.13 -10.04 -14.20
N ILE A 10 5.32 -11.04 -13.33
CA ILE A 10 5.05 -12.46 -13.65
C ILE A 10 3.59 -12.84 -13.36
N PHE A 11 2.76 -11.90 -12.81
CA PHE A 11 1.32 -12.12 -12.57
C PHE A 11 0.56 -10.96 -13.19
N PRO A 12 0.52 -10.87 -14.54
CA PRO A 12 -0.21 -9.74 -15.15
C PRO A 12 -1.73 -9.75 -14.85
N GLU A 13 -2.27 -10.95 -14.57
CA GLU A 13 -3.70 -11.10 -14.32
C GLU A 13 -4.11 -10.42 -13.00
N MET A 14 -3.12 -10.10 -12.11
CA MET A 14 -3.43 -9.44 -10.85
C MET A 14 -3.90 -8.01 -11.14
N PHE A 15 -3.41 -7.43 -12.24
CA PHE A 15 -3.66 -6.06 -12.71
C PHE A 15 -5.07 -5.84 -13.26
N ARG A 16 -5.92 -6.90 -13.24
CA ARG A 16 -7.35 -6.80 -13.53
C ARG A 16 -8.02 -5.99 -12.42
N ALA A 17 -7.47 -6.02 -11.18
CA ALA A 17 -7.96 -5.20 -10.06
C ALA A 17 -7.92 -3.71 -10.41
N ILE A 18 -6.99 -3.27 -11.30
CA ILE A 18 -6.97 -1.88 -11.73
C ILE A 18 -7.48 -1.70 -13.17
N SER A 19 -7.33 -2.72 -14.04
CA SER A 19 -7.80 -2.55 -15.42
C SER A 19 -9.32 -2.61 -15.46
N ASP A 20 -9.96 -3.41 -14.57
CA ASP A 20 -11.42 -3.57 -14.59
C ASP A 20 -12.23 -2.74 -13.56
N TYR A 21 -11.58 -2.07 -12.56
CA TYR A 21 -12.30 -1.36 -11.49
C TYR A 21 -11.87 0.08 -11.29
N GLY A 22 -12.81 0.92 -10.82
CA GLY A 22 -12.57 2.30 -10.41
C GLY A 22 -12.12 3.30 -11.44
N ILE A 23 -11.50 4.43 -10.95
CA ILE A 23 -10.91 5.55 -11.73
C ILE A 23 -9.94 5.05 -12.81
N THR A 24 -9.13 4.00 -12.49
CA THR A 24 -8.10 3.45 -13.40
C THR A 24 -8.77 2.83 -14.60
N SER A 25 -9.81 2.00 -14.35
CA SER A 25 -10.61 1.37 -15.42
C SER A 25 -11.30 2.46 -16.27
N ARG A 26 -11.84 3.49 -15.62
CA ARG A 26 -12.48 4.64 -16.26
C ARG A 26 -11.48 5.43 -17.10
N ALA A 27 -10.27 5.68 -16.58
CA ALA A 27 -9.22 6.43 -17.27
C ALA A 27 -8.75 5.69 -18.52
N VAL A 28 -8.73 4.37 -18.46
CA VAL A 28 -8.38 3.54 -19.58
C VAL A 28 -9.45 3.76 -20.66
N LYS A 29 -10.74 3.58 -20.29
CA LYS A 29 -11.90 3.75 -21.16
C LYS A 29 -11.88 5.13 -21.81
N GLN A 30 -11.72 6.19 -21.01
CA GLN A 30 -11.67 7.58 -21.45
C GLN A 30 -10.40 7.95 -22.23
N GLY A 31 -9.44 7.02 -22.28
CA GLY A 31 -8.17 7.21 -22.98
C GLY A 31 -7.17 8.12 -22.28
N LEU A 32 -7.37 8.39 -20.98
CA LEU A 32 -6.45 9.20 -20.19
C LEU A 32 -5.26 8.35 -19.74
N LEU A 33 -5.47 7.05 -19.58
CA LEU A 33 -4.45 6.14 -19.10
C LEU A 33 -4.30 4.93 -20.01
N THR A 34 -3.05 4.57 -20.34
CA THR A 34 -2.78 3.36 -21.10
C THR A 34 -2.10 2.38 -20.16
N LEU A 35 -2.66 1.17 -20.04
CA LEU A 35 -2.13 0.14 -19.16
C LEU A 35 -1.70 -1.13 -19.89
N THR A 36 -0.39 -1.45 -19.83
CA THR A 36 0.18 -2.63 -20.49
C THR A 36 1.02 -3.50 -19.55
N CYS A 37 0.99 -4.81 -19.79
CA CYS A 37 1.75 -5.78 -19.00
C CYS A 37 2.81 -6.50 -19.87
N TRP A 38 4.01 -6.70 -19.29
CA TRP A 38 5.22 -7.33 -19.87
C TRP A 38 5.71 -8.42 -18.90
N ASN A 39 5.37 -9.67 -19.22
CA ASN A 39 5.62 -10.85 -18.40
C ASN A 39 7.01 -11.50 -18.66
N PRO A 40 7.96 -11.42 -17.67
CA PRO A 40 9.30 -12.05 -17.87
C PRO A 40 9.29 -13.55 -18.17
N ARG A 41 8.17 -14.25 -17.90
CA ARG A 41 8.04 -15.70 -18.17
C ARG A 41 8.06 -15.98 -19.67
N VAL A 42 7.57 -15.03 -20.48
CA VAL A 42 7.52 -15.07 -21.94
C VAL A 42 8.95 -14.91 -22.49
N TYR A 43 9.81 -14.13 -21.81
CA TYR A 43 11.19 -13.84 -22.22
C TYR A 43 12.20 -14.82 -21.58
N THR A 44 11.82 -16.10 -21.55
CA THR A 44 12.58 -17.22 -20.99
C THR A 44 13.28 -18.05 -22.11
N GLU A 45 14.16 -18.99 -21.71
CA GLU A 45 14.91 -19.87 -22.61
C GLU A 45 14.57 -21.35 -22.47
N ASP A 46 13.84 -21.74 -21.40
CA ASP A 46 13.49 -23.13 -21.17
C ASP A 46 11.99 -23.43 -21.22
N ARG A 47 11.66 -24.72 -21.19
CA ARG A 47 10.31 -25.28 -21.25
C ARG A 47 9.48 -24.89 -20.03
N HIS A 48 10.13 -24.82 -18.85
CA HIS A 48 9.45 -24.54 -17.58
C HIS A 48 9.34 -23.04 -17.25
N GLN A 49 9.78 -22.16 -18.17
CA GLN A 49 9.71 -20.70 -18.07
C GLN A 49 10.28 -20.17 -16.75
N THR A 50 11.55 -20.55 -16.47
CA THR A 50 12.28 -20.21 -15.25
C THR A 50 12.60 -18.73 -15.23
N VAL A 51 12.20 -18.08 -14.13
CA VAL A 51 12.33 -16.63 -13.89
C VAL A 51 13.14 -16.32 -12.63
N ASP A 52 13.33 -17.34 -11.78
CA ASP A 52 14.14 -17.23 -10.58
C ASP A 52 15.49 -17.99 -10.73
N ASP A 53 16.45 -17.70 -9.83
CA ASP A 53 17.79 -18.28 -9.80
C ASP A 53 18.31 -18.21 -8.37
N ARG A 54 19.21 -19.14 -7.99
CA ARG A 54 19.77 -19.21 -6.62
C ARG A 54 20.60 -17.97 -6.24
N PRO A 55 20.62 -17.57 -4.94
CA PRO A 55 21.41 -16.38 -4.57
C PRO A 55 22.89 -16.67 -4.28
N PHE A 56 23.78 -15.75 -4.73
CA PHE A 56 25.22 -15.84 -4.45
C PHE A 56 25.45 -15.46 -2.99
N GLY A 57 26.20 -16.31 -2.28
CA GLY A 57 26.54 -16.14 -0.88
C GLY A 57 25.65 -16.92 0.05
N GLY A 58 24.96 -17.91 -0.50
CA GLY A 58 24.04 -18.75 0.26
C GLY A 58 22.81 -18.02 0.76
N GLY A 59 22.06 -18.68 1.62
CA GLY A 59 20.85 -18.14 2.20
C GLY A 59 19.59 -18.70 1.57
N PRO A 60 18.43 -18.56 2.26
CA PRO A 60 17.19 -19.08 1.67
C PRO A 60 16.64 -18.14 0.60
N GLY A 61 15.66 -18.63 -0.14
CA GLY A 61 15.01 -17.87 -1.18
C GLY A 61 15.72 -17.90 -2.52
N MET A 62 15.15 -17.19 -3.47
CA MET A 62 15.65 -17.12 -4.83
C MET A 62 15.67 -15.67 -5.21
N VAL A 63 16.39 -15.34 -6.26
CA VAL A 63 16.50 -13.99 -6.81
C VAL A 63 15.91 -14.10 -8.23
N MET A 64 15.35 -13.00 -8.76
CA MET A 64 14.83 -12.99 -10.13
C MET A 64 16.01 -12.89 -11.13
N LYS A 65 16.05 -13.78 -12.15
CA LYS A 65 17.10 -13.82 -13.21
C LYS A 65 17.06 -12.52 -14.00
N ILE A 66 18.24 -11.98 -14.35
CA ILE A 66 18.39 -10.70 -15.06
C ILE A 66 17.81 -10.71 -16.48
N LYS A 67 18.18 -11.73 -17.31
CA LYS A 67 17.77 -11.85 -18.71
C LYS A 67 16.26 -11.77 -18.90
N PRO A 68 15.40 -12.60 -18.23
CA PRO A 68 13.94 -12.46 -18.43
C PRO A 68 13.46 -11.07 -18.06
N LEU A 69 14.05 -10.42 -17.02
CA LEU A 69 13.69 -9.04 -16.63
C LEU A 69 14.09 -8.00 -17.70
N GLU A 70 15.34 -8.11 -18.20
CA GLU A 70 15.93 -7.25 -19.25
C GLU A 70 15.12 -7.34 -20.53
N GLY A 71 14.67 -8.54 -20.88
CA GLY A 71 13.85 -8.79 -22.06
C GLY A 71 12.53 -8.05 -21.97
N ALA A 72 11.78 -8.31 -20.87
CA ALA A 72 10.48 -7.67 -20.60
C ALA A 72 10.65 -6.14 -20.57
N LEU A 73 11.73 -5.63 -19.90
CA LEU A 73 12.00 -4.20 -19.85
C LEU A 73 12.22 -3.60 -21.23
N ALA A 74 13.06 -4.27 -22.05
CA ALA A 74 13.40 -3.86 -23.42
C ALA A 74 12.12 -3.66 -24.25
N ASP A 75 11.24 -4.67 -24.26
CA ASP A 75 9.94 -4.63 -24.96
C ASP A 75 8.99 -3.53 -24.42
N ALA A 76 8.98 -3.32 -23.09
CA ALA A 76 8.18 -2.27 -22.46
C ALA A 76 8.64 -0.90 -22.95
N ARG A 77 9.97 -0.69 -23.06
CA ARG A 77 10.59 0.56 -23.52
C ARG A 77 10.29 0.87 -24.99
N GLN A 78 10.29 -0.17 -25.83
CA GLN A 78 9.98 -0.11 -27.26
C GLN A 78 8.53 0.35 -27.42
N ALA A 79 7.59 -0.27 -26.66
CA ALA A 79 6.15 0.07 -26.66
C ALA A 79 5.87 1.47 -26.14
N ALA A 80 6.73 2.00 -25.25
CA ALA A 80 6.61 3.36 -24.72
C ALA A 80 6.82 4.40 -25.83
N GLY A 81 7.41 3.94 -26.95
CA GLY A 81 7.67 4.75 -28.13
C GLY A 81 8.60 5.91 -27.88
N GLY A 82 8.15 7.11 -28.24
CA GLY A 82 8.92 8.33 -28.05
C GLY A 82 8.69 9.04 -26.73
N ARG A 83 7.93 8.41 -25.82
CA ARG A 83 7.63 9.00 -24.51
C ARG A 83 8.82 8.90 -23.58
N LYS A 84 9.03 9.94 -22.78
CA LYS A 84 10.08 9.96 -21.76
C LYS A 84 9.55 9.09 -20.60
N ALA A 85 10.08 7.88 -20.46
CA ALA A 85 9.64 6.93 -19.45
C ALA A 85 10.60 6.86 -18.27
N LYS A 86 10.04 6.92 -17.05
CA LYS A 86 10.77 6.79 -15.79
C LYS A 86 10.61 5.31 -15.36
N VAL A 87 11.73 4.61 -15.17
CA VAL A 87 11.71 3.20 -14.81
C VAL A 87 11.75 3.12 -13.28
N ILE A 88 10.66 2.62 -12.67
CA ILE A 88 10.54 2.50 -11.21
C ILE A 88 10.53 1.05 -10.75
N TYR A 89 11.31 0.72 -9.71
CA TYR A 89 11.29 -0.61 -9.09
C TYR A 89 10.61 -0.44 -7.74
N LEU A 90 9.57 -1.23 -7.53
CA LEU A 90 8.80 -1.24 -6.28
C LEU A 90 9.58 -2.08 -5.29
N SER A 91 9.97 -1.51 -4.13
CA SER A 91 10.65 -2.30 -3.08
C SER A 91 10.59 -1.59 -1.72
N PRO A 92 10.68 -2.34 -0.59
CA PRO A 92 10.68 -1.67 0.74
C PRO A 92 11.88 -0.77 1.01
N GLN A 93 12.95 -0.94 0.21
CA GLN A 93 14.18 -0.17 0.25
C GLN A 93 14.07 1.17 -0.52
N GLY A 94 12.92 1.47 -1.13
CA GLY A 94 12.75 2.69 -1.93
C GLY A 94 12.27 3.92 -1.19
N ARG A 95 12.09 5.02 -1.90
CA ARG A 95 11.57 6.27 -1.36
C ARG A 95 10.12 6.00 -0.97
N GLN A 96 9.74 6.39 0.25
CA GLN A 96 8.39 6.15 0.77
C GLN A 96 7.43 6.98 0.04
N LEU A 97 6.42 6.31 -0.52
CA LEU A 97 5.36 7.00 -1.23
C LEU A 97 4.51 7.82 -0.25
N THR A 98 4.25 9.08 -0.63
CA THR A 98 3.42 10.07 0.06
C THR A 98 2.69 10.88 -1.02
N GLN A 99 1.64 11.60 -0.65
CA GLN A 99 0.90 12.44 -1.58
C GLN A 99 1.76 13.40 -2.39
N ALA A 100 2.83 13.94 -1.80
CA ALA A 100 3.77 14.83 -2.50
C ALA A 100 4.53 14.06 -3.60
N GLY A 101 4.89 12.82 -3.32
CA GLY A 101 5.54 11.93 -4.29
C GLY A 101 4.60 11.62 -5.43
N VAL A 102 3.31 11.38 -5.11
CA VAL A 102 2.21 11.11 -6.06
C VAL A 102 2.10 12.24 -7.08
N ARG A 103 2.05 13.50 -6.60
CA ARG A 103 2.00 14.69 -7.45
C ARG A 103 3.18 14.74 -8.40
N GLU A 104 4.40 14.45 -7.89
CA GLU A 104 5.60 14.41 -8.72
C GLU A 104 5.43 13.38 -9.82
N LEU A 105 5.08 12.12 -9.45
CA LEU A 105 4.86 11.03 -10.40
C LEU A 105 3.75 11.39 -11.43
N ALA A 106 2.71 12.13 -11.02
CA ALA A 106 1.61 12.56 -11.89
C ALA A 106 2.05 13.54 -13.01
N GLU A 107 3.28 14.06 -12.96
CA GLU A 107 3.78 14.97 -14.00
C GLU A 107 4.48 14.20 -15.12
N GLU A 108 4.77 12.90 -14.91
CA GLU A 108 5.45 12.04 -15.89
C GLU A 108 4.49 11.63 -17.00
N GLU A 109 4.99 11.52 -18.23
CA GLU A 109 4.18 11.07 -19.36
C GLU A 109 4.10 9.55 -19.43
N ALA A 110 5.20 8.86 -19.08
CA ALA A 110 5.24 7.40 -19.08
C ALA A 110 5.96 6.83 -17.86
N LEU A 111 5.46 5.70 -17.36
CA LEU A 111 6.04 4.99 -16.23
C LEU A 111 6.15 3.51 -16.56
N ILE A 112 7.34 2.93 -16.36
CA ILE A 112 7.58 1.49 -16.46
C ILE A 112 7.79 1.06 -15.00
N LEU A 113 6.91 0.20 -14.47
CA LEU A 113 6.97 -0.25 -13.09
C LEU A 113 7.40 -1.70 -13.05
N ILE A 114 8.45 -1.97 -12.30
CA ILE A 114 8.98 -3.32 -12.18
C ILE A 114 8.53 -3.92 -10.89
N ALA A 115 7.82 -5.05 -10.97
CA ALA A 115 7.27 -5.74 -9.82
C ALA A 115 8.10 -6.97 -9.49
N GLY A 116 8.82 -6.88 -8.38
CA GLY A 116 9.66 -7.97 -7.96
C GLY A 116 8.89 -9.11 -7.34
N ARG A 117 9.52 -10.25 -7.32
CA ARG A 117 9.05 -11.45 -6.70
C ARG A 117 10.24 -12.10 -5.99
N TYR A 118 9.97 -13.12 -5.19
CA TYR A 118 10.95 -13.84 -4.39
C TYR A 118 11.68 -13.00 -3.35
N GLU A 119 12.99 -13.04 -3.33
CA GLU A 119 13.76 -12.29 -2.36
C GLU A 119 14.15 -10.96 -2.97
N GLY A 120 13.91 -10.78 -4.24
CA GLY A 120 14.19 -9.52 -4.90
C GLY A 120 14.86 -9.73 -6.23
N ILE A 121 15.38 -8.63 -6.79
CA ILE A 121 16.02 -8.63 -8.09
C ILE A 121 17.53 -8.29 -7.99
N ASP A 122 18.30 -8.68 -9.01
CA ASP A 122 19.75 -8.47 -9.02
C ASP A 122 20.09 -7.02 -9.00
N GLU A 123 20.99 -6.62 -8.06
CA GLU A 123 21.41 -5.24 -7.87
C GLU A 123 22.02 -4.62 -9.12
N ARG A 124 22.72 -5.44 -9.94
CA ARG A 124 23.32 -4.99 -11.19
C ARG A 124 22.23 -4.54 -12.18
N PHE A 125 21.08 -5.27 -12.22
CA PHE A 125 19.90 -4.87 -12.98
C PHE A 125 19.39 -3.50 -12.49
N ILE A 126 19.25 -3.32 -11.16
CA ILE A 126 18.79 -2.07 -10.54
C ILE A 126 19.75 -0.94 -10.92
N GLU A 127 21.09 -1.05 -10.62
CA GLU A 127 22.06 0.04 -10.93
C GLU A 127 22.07 0.44 -12.40
N GLU A 128 21.92 -0.54 -13.28
CA GLU A 128 21.93 -0.33 -14.71
C GLU A 128 20.66 0.28 -15.29
N HIS A 129 19.50 -0.32 -14.97
CA HIS A 129 18.21 0.01 -15.59
C HIS A 129 17.18 0.82 -14.80
N VAL A 130 17.24 0.78 -13.46
CA VAL A 130 16.22 1.41 -12.65
C VAL A 130 16.55 2.85 -12.37
N ASP A 131 15.61 3.76 -12.68
CA ASP A 131 15.78 5.19 -12.46
C ASP A 131 15.53 5.52 -10.99
N GLU A 132 14.45 4.92 -10.40
CA GLU A 132 14.00 5.21 -9.03
C GLU A 132 13.40 4.00 -8.35
N GLU A 133 13.64 3.90 -7.06
CA GLU A 133 13.06 2.88 -6.19
C GLU A 133 12.02 3.59 -5.32
N TRP A 134 10.83 2.98 -5.20
CA TRP A 134 9.68 3.50 -4.44
C TRP A 134 9.06 2.43 -3.56
N SER A 135 8.79 2.76 -2.27
CA SER A 135 8.12 1.86 -1.33
C SER A 135 6.71 2.40 -1.08
N ILE A 136 5.75 1.53 -0.78
CA ILE A 136 4.40 1.99 -0.43
C ILE A 136 4.28 2.11 1.10
N GLY A 137 5.27 1.58 1.82
CA GLY A 137 5.33 1.65 3.28
C GLY A 137 6.26 0.66 3.91
N ASP A 138 6.52 0.84 5.23
CA ASP A 138 7.43 0.04 6.03
C ASP A 138 6.94 -1.34 6.40
N TYR A 139 6.65 -2.16 5.36
CA TYR A 139 6.21 -3.54 5.57
C TYR A 139 6.64 -4.36 4.35
N VAL A 140 6.68 -5.67 4.49
CA VAL A 140 7.15 -6.58 3.45
C VAL A 140 6.00 -7.35 2.84
N LEU A 141 5.88 -7.21 1.52
CA LEU A 141 4.86 -7.90 0.74
C LEU A 141 5.51 -9.04 -0.05
N SER A 142 4.69 -10.01 -0.58
CA SER A 142 5.22 -11.16 -1.33
C SER A 142 5.65 -10.78 -2.73
N GLY A 143 5.18 -9.63 -3.23
CA GLY A 143 5.51 -9.16 -4.55
C GLY A 143 5.18 -7.71 -4.74
N GLY A 144 5.67 -7.16 -5.86
CA GLY A 144 5.50 -5.75 -6.21
C GLY A 144 4.23 -5.38 -6.93
N GLU A 145 3.37 -6.36 -7.24
CA GLU A 145 2.11 -6.13 -7.95
C GLU A 145 1.13 -5.20 -7.22
N LEU A 146 0.78 -5.52 -5.96
CA LEU A 146 -0.09 -4.65 -5.15
C LEU A 146 0.52 -3.26 -4.99
N PRO A 147 1.85 -3.11 -4.65
CA PRO A 147 2.44 -1.77 -4.61
C PRO A 147 2.38 -1.01 -5.92
N ALA A 148 2.57 -1.71 -7.07
CA ALA A 148 2.51 -1.03 -8.38
C ALA A 148 1.10 -0.47 -8.62
N MET A 149 0.09 -1.24 -8.27
CA MET A 149 -1.34 -0.90 -8.38
C MET A 149 -1.76 0.25 -7.47
N VAL A 150 -1.20 0.31 -6.26
CA VAL A 150 -1.41 1.41 -5.30
C VAL A 150 -0.86 2.68 -5.93
N LEU A 151 0.35 2.61 -6.50
CA LEU A 151 0.97 3.78 -7.13
C LEU A 151 0.14 4.32 -8.30
N VAL A 152 -0.30 3.43 -9.21
CA VAL A 152 -1.10 3.79 -10.39
C VAL A 152 -2.45 4.34 -9.94
N ASP A 153 -3.11 3.69 -8.98
CA ASP A 153 -4.38 4.21 -8.48
C ASP A 153 -4.20 5.67 -7.96
N ALA A 154 -3.23 5.90 -7.07
CA ALA A 154 -2.97 7.23 -6.48
C ALA A 154 -2.71 8.31 -7.52
N VAL A 155 -1.85 8.03 -8.50
CA VAL A 155 -1.47 8.93 -9.59
C VAL A 155 -2.65 9.22 -10.56
N THR A 156 -3.45 8.20 -10.91
CA THR A 156 -4.61 8.30 -11.81
C THR A 156 -5.64 9.34 -11.29
N ARG A 157 -5.86 9.35 -9.97
CA ARG A 157 -6.77 10.27 -9.28
C ARG A 157 -6.40 11.73 -9.57
N LEU A 158 -5.15 12.00 -9.98
CA LEU A 158 -4.64 13.33 -10.25
C LEU A 158 -4.68 13.67 -11.73
N LEU A 159 -5.15 12.73 -12.57
CA LEU A 159 -5.27 12.97 -14.00
C LEU A 159 -6.53 13.80 -14.26
N PRO A 160 -6.44 14.87 -15.07
CA PRO A 160 -7.61 15.73 -15.29
C PRO A 160 -8.75 15.03 -16.00
N GLY A 161 -9.91 15.08 -15.36
CA GLY A 161 -11.13 14.45 -15.84
C GLY A 161 -11.29 13.04 -15.33
N ALA A 162 -10.34 12.58 -14.50
CA ALA A 162 -10.37 11.24 -13.95
C ALA A 162 -11.39 11.07 -12.84
N LEU A 163 -11.49 12.07 -11.93
CA LEU A 163 -12.38 12.16 -10.73
C LEU A 163 -11.66 11.67 -9.47
N PHE A 174 -3.26 14.03 0.82
CA PHE A 174 -2.87 15.05 1.79
C PHE A 174 -2.64 16.39 1.09
N THR A 175 -3.72 16.84 0.41
CA THR A 175 -3.84 18.09 -0.35
C THR A 175 -3.70 19.29 0.61
N ASP A 176 -4.56 19.33 1.66
CA ASP A 176 -4.55 20.36 2.70
C ASP A 176 -3.31 20.16 3.59
N GLY A 177 -2.82 18.92 3.67
CA GLY A 177 -1.70 18.52 4.51
C GLY A 177 -2.23 18.07 5.87
N LEU A 178 -3.57 17.87 5.96
CA LEU A 178 -4.32 17.47 7.15
C LEU A 178 -5.11 16.19 6.91
N LEU A 179 -5.53 15.51 8.00
CA LEU A 179 -6.42 14.35 7.98
C LEU A 179 -7.78 14.92 7.61
N ASP A 180 -8.71 14.08 7.14
CA ASP A 180 -9.98 14.64 6.73
C ASP A 180 -11.01 14.69 7.87
N CYS A 181 -12.03 15.54 7.67
CA CYS A 181 -13.16 15.73 8.57
C CYS A 181 -14.05 14.49 8.47
N PRO A 182 -14.85 14.14 9.52
CA PRO A 182 -15.75 12.98 9.39
C PRO A 182 -16.80 13.22 8.30
N HIS A 183 -17.45 12.14 7.85
CA HIS A 183 -18.45 12.20 6.80
C HIS A 183 -19.79 11.67 7.32
N TYR A 184 -20.88 12.31 6.86
CA TYR A 184 -22.23 11.94 7.25
C TYR A 184 -23.18 11.94 6.07
N THR A 185 -24.11 10.98 6.06
CA THR A 185 -25.14 10.88 5.03
C THR A 185 -26.45 10.41 5.65
N ARG A 186 -27.55 10.50 4.87
CA ARG A 186 -28.93 10.12 5.22
C ARG A 186 -28.93 8.72 5.86
N PRO A 187 -29.66 8.47 6.97
CA PRO A 187 -30.60 9.36 7.68
C PRO A 187 -29.97 10.44 8.55
N GLU A 188 -30.81 11.41 8.97
CA GLU A 188 -30.49 12.51 9.88
C GLU A 188 -30.15 11.91 11.25
N VAL A 189 -30.90 10.88 11.67
CA VAL A 189 -30.69 10.21 12.95
C VAL A 189 -30.73 8.72 12.70
N TYR A 190 -29.76 7.98 13.26
CA TYR A 190 -29.65 6.55 13.11
C TYR A 190 -29.23 5.94 14.43
N ALA A 191 -30.03 4.98 14.93
CA ALA A 191 -29.83 4.23 16.18
C ALA A 191 -29.23 5.08 17.33
N ASP A 192 -29.97 6.13 17.74
CA ASP A 192 -29.67 7.08 18.82
C ASP A 192 -28.46 8.02 18.54
N LYS A 193 -27.89 7.98 17.31
CA LYS A 193 -26.79 8.85 16.88
C LYS A 193 -27.31 9.80 15.79
N ARG A 194 -27.01 11.11 15.90
CA ARG A 194 -27.49 12.10 14.93
C ARG A 194 -26.36 12.91 14.31
N VAL A 195 -26.55 13.33 13.05
CA VAL A 195 -25.64 14.15 12.27
C VAL A 195 -25.47 15.52 12.94
N PRO A 196 -24.22 15.99 13.17
CA PRO A 196 -24.02 17.35 13.72
C PRO A 196 -24.90 18.40 13.01
N GLU A 197 -25.72 19.12 13.81
CA GLU A 197 -26.67 20.14 13.36
C GLU A 197 -26.08 21.15 12.38
N VAL A 198 -24.79 21.56 12.58
CA VAL A 198 -24.07 22.50 11.69
C VAL A 198 -24.14 22.06 10.22
N LEU A 199 -24.12 20.73 9.97
CA LEU A 199 -24.17 20.17 8.62
C LEU A 199 -25.60 20.15 8.07
N LEU A 200 -26.60 20.02 8.98
CA LEU A 200 -28.04 20.05 8.66
C LEU A 200 -28.55 21.47 8.38
N SER A 201 -27.70 22.49 8.64
CA SER A 201 -27.98 23.89 8.35
C SER A 201 -27.54 24.19 6.90
N GLY A 202 -27.79 25.40 6.41
CA GLY A 202 -27.42 25.81 5.06
C GLY A 202 -26.28 26.80 5.00
N ASN A 203 -25.67 27.09 6.17
CA ASN A 203 -24.56 28.03 6.28
C ASN A 203 -23.27 27.41 5.77
N HIS A 204 -22.87 27.79 4.54
CA HIS A 204 -21.67 27.31 3.86
C HIS A 204 -20.36 27.74 4.54
N GLU A 205 -20.40 28.83 5.33
CA GLU A 205 -19.26 29.36 6.09
C GLU A 205 -19.11 28.60 7.41
N HIS A 206 -20.24 28.29 8.08
CA HIS A 206 -20.23 27.54 9.33
C HIS A 206 -19.90 26.08 9.10
N ILE A 207 -20.29 25.52 7.92
CA ILE A 207 -19.98 24.13 7.52
C ILE A 207 -18.45 24.03 7.30
N ARG A 208 -17.90 24.96 6.49
CA ARG A 208 -16.49 25.08 6.16
C ARG A 208 -15.66 25.16 7.45
N ARG A 209 -16.00 26.13 8.36
CA ARG A 209 -15.30 26.33 9.63
C ARG A 209 -15.32 25.07 10.51
N TRP A 210 -16.49 24.41 10.61
CA TRP A 210 -16.62 23.20 11.40
C TRP A 210 -15.76 22.04 10.83
N ARG A 211 -15.73 21.90 9.49
CA ARG A 211 -14.97 20.87 8.78
C ARG A 211 -13.46 21.09 9.02
N LEU A 212 -12.97 22.31 8.68
CA LEU A 212 -11.57 22.70 8.90
C LEU A 212 -11.12 22.47 10.38
N GLN A 213 -12.03 22.74 11.36
CA GLN A 213 -11.76 22.47 12.79
C GLN A 213 -11.66 20.96 13.09
N GLN A 214 -12.60 20.15 12.56
CA GLN A 214 -12.56 18.69 12.77
C GLN A 214 -11.31 18.07 12.10
N ALA A 215 -10.93 18.63 10.95
CA ALA A 215 -9.73 18.18 10.23
C ALA A 215 -8.49 18.52 11.09
N LEU A 216 -8.38 19.79 11.55
CA LEU A 216 -7.28 20.24 12.41
C LEU A 216 -7.21 19.41 13.68
N GLY A 217 -8.37 19.19 14.30
CA GLY A 217 -8.54 18.42 15.53
C GLY A 217 -8.13 16.97 15.44
N ARG A 218 -8.59 16.26 14.36
CA ARG A 218 -8.27 14.84 14.13
C ARG A 218 -6.79 14.63 13.85
N THR A 219 -6.18 15.59 13.14
CA THR A 219 -4.75 15.58 12.83
C THR A 219 -3.95 15.78 14.13
N TRP A 220 -4.37 16.71 15.01
CA TRP A 220 -3.71 16.96 16.30
C TRP A 220 -3.75 15.72 17.19
N GLU A 221 -4.86 15.02 17.22
CA GLU A 221 -5.07 13.84 18.04
C GLU A 221 -4.34 12.61 17.57
N ARG A 222 -4.22 12.44 16.25
CA ARG A 222 -3.69 11.21 15.65
C ARG A 222 -2.36 11.32 14.97
N ARG A 223 -2.13 12.43 14.25
CA ARG A 223 -0.96 12.63 13.43
C ARG A 223 -0.35 14.02 13.61
N ALA A 224 0.05 14.33 14.86
CA ALA A 224 0.64 15.61 15.25
C ALA A 224 1.90 15.93 14.44
N ASP A 225 2.58 14.88 13.93
CA ASP A 225 3.74 14.95 13.06
C ASP A 225 3.41 15.75 11.77
N LEU A 226 2.19 15.56 11.21
CA LEU A 226 1.71 16.29 10.03
C LEU A 226 1.50 17.79 10.35
N LEU A 227 1.18 18.12 11.62
CA LEU A 227 0.99 19.51 12.07
C LEU A 227 2.32 20.24 12.30
N ASP A 228 3.36 19.51 12.80
CA ASP A 228 4.70 20.05 13.07
C ASP A 228 5.35 20.58 11.80
N SER A 229 5.06 19.93 10.65
CA SER A 229 5.56 20.32 9.33
C SER A 229 4.63 21.35 8.65
N ARG A 230 3.47 21.65 9.26
CA ARG A 230 2.47 22.58 8.71
C ARG A 230 2.53 23.99 9.26
N SER A 231 2.26 24.96 8.37
CA SER A 231 2.21 26.41 8.64
C SER A 231 0.73 26.80 8.82
N LEU A 232 0.26 26.69 10.08
CA LEU A 232 -1.11 26.98 10.50
C LEU A 232 -1.46 28.46 10.39
N SER A 233 -2.56 28.78 9.70
CA SER A 233 -3.06 30.16 9.54
C SER A 233 -3.61 30.67 10.87
N GLY A 234 -3.87 31.98 10.94
CA GLY A 234 -4.43 32.62 12.12
C GLY A 234 -5.72 31.94 12.55
N GLU A 235 -6.60 31.64 11.56
CA GLU A 235 -7.88 30.99 11.73
C GLU A 235 -7.69 29.57 12.22
N GLU A 236 -6.76 28.83 11.58
CA GLU A 236 -6.45 27.45 11.90
C GLU A 236 -5.95 27.28 13.32
N GLN A 237 -5.13 28.23 13.82
CA GLN A 237 -4.64 28.21 15.20
C GLN A 237 -5.80 28.44 16.22
N LYS A 238 -6.81 29.22 15.82
CA LYS A 238 -7.99 29.51 16.65
C LYS A 238 -8.95 28.32 16.73
N LEU A 239 -9.28 27.70 15.58
CA LEU A 239 -10.19 26.54 15.48
C LEU A 239 -9.64 25.32 16.20
N LEU A 240 -8.31 25.13 16.10
CA LEU A 240 -7.62 24.02 16.73
C LEU A 240 -7.61 24.19 18.25
N ALA A 241 -7.31 25.43 18.73
CA ALA A 241 -7.29 25.75 20.18
C ALA A 241 -8.68 25.46 20.75
N GLU A 242 -9.73 25.92 20.03
CA GLU A 242 -11.14 25.72 20.36
C GLU A 242 -11.50 24.22 20.48
N TYR A 243 -11.00 23.39 19.54
CA TYR A 243 -11.25 21.96 19.53
C TYR A 243 -10.65 21.32 20.78
N ILE A 244 -9.42 21.70 21.12
CA ILE A 244 -8.68 21.16 22.25
C ILE A 244 -9.36 21.47 23.60
N ARG A 245 -9.62 22.78 23.90
CA ARG A 245 -10.21 23.29 25.15
CA ARG A 245 -10.21 23.29 25.16
C ARG A 245 -11.62 22.77 25.43
N GLN A 246 -12.39 22.49 24.36
CA GLN A 246 -13.79 22.05 24.43
C GLN A 246 -13.99 20.54 24.41
N ARG A 247 -13.00 19.73 24.80
CA ARG A 247 -13.32 18.30 24.85
C ARG A 247 -12.95 17.67 26.17
N ASP A 248 -13.69 16.64 26.60
CA ASP A 248 -13.39 15.94 27.86
C ASP A 248 -11.95 15.37 27.88
N SER B 1 -7.06 -22.39 7.65
CA SER B 1 -7.97 -22.36 8.77
C SER B 1 -7.42 -21.61 9.97
N MET B 2 -6.10 -21.41 10.02
CA MET B 2 -5.52 -20.70 11.14
C MET B 2 -5.89 -19.23 11.13
N LEU B 3 -6.10 -18.64 9.96
CA LEU B 3 -6.54 -17.26 9.87
C LEU B 3 -7.75 -17.12 8.96
N TRP B 4 -8.79 -16.50 9.48
CA TRP B 4 -10.06 -16.27 8.81
C TRP B 4 -10.14 -14.79 8.54
N VAL B 5 -10.31 -14.41 7.25
CA VAL B 5 -10.42 -13.01 6.83
C VAL B 5 -11.74 -12.81 6.11
N GLY B 6 -12.44 -11.75 6.46
CA GLY B 6 -13.69 -11.36 5.86
C GLY B 6 -13.54 -9.96 5.33
N VAL B 7 -13.93 -9.71 4.08
CA VAL B 7 -13.80 -8.37 3.50
C VAL B 7 -15.16 -7.78 3.15
N VAL B 8 -15.42 -6.53 3.60
CA VAL B 8 -16.64 -5.82 3.28
C VAL B 8 -16.27 -4.85 2.21
N SER B 9 -16.84 -5.05 1.02
CA SER B 9 -16.46 -4.30 -0.17
C SER B 9 -17.53 -4.44 -1.22
N ILE B 10 -17.83 -3.35 -1.96
CA ILE B 10 -18.77 -3.29 -3.09
C ILE B 10 -18.19 -3.97 -4.35
N PHE B 11 -16.87 -4.35 -4.34
CA PHE B 11 -16.19 -5.02 -5.47
C PHE B 11 -15.55 -6.30 -4.97
N PRO B 12 -16.31 -7.30 -4.47
CA PRO B 12 -15.68 -8.53 -3.96
C PRO B 12 -14.88 -9.30 -5.01
N GLU B 13 -15.27 -9.23 -6.30
CA GLU B 13 -14.57 -9.96 -7.37
C GLU B 13 -13.22 -9.36 -7.69
N MET B 14 -12.97 -8.13 -7.24
CA MET B 14 -11.65 -7.51 -7.37
C MET B 14 -10.61 -8.31 -6.61
N PHE B 15 -11.03 -9.06 -5.60
CA PHE B 15 -10.15 -9.82 -4.70
C PHE B 15 -9.62 -11.12 -5.28
N ARG B 16 -9.89 -11.39 -6.58
CA ARG B 16 -9.33 -12.55 -7.28
C ARG B 16 -7.79 -12.37 -7.37
N ALA B 17 -7.32 -11.07 -7.40
CA ALA B 17 -5.90 -10.68 -7.44
C ALA B 17 -5.10 -11.33 -6.31
N ILE B 18 -5.73 -11.61 -5.14
CA ILE B 18 -5.07 -12.31 -4.02
C ILE B 18 -5.60 -13.73 -3.81
N SER B 19 -6.89 -13.99 -4.12
CA SER B 19 -7.43 -15.34 -3.91
C SER B 19 -6.90 -16.35 -4.95
N ASP B 20 -6.59 -15.86 -6.17
CA ASP B 20 -6.16 -16.71 -7.28
C ASP B 20 -4.63 -16.73 -7.58
N TYR B 21 -3.84 -15.80 -6.99
CA TYR B 21 -2.40 -15.67 -7.24
C TYR B 21 -1.58 -15.43 -5.99
N GLY B 22 -0.32 -15.88 -6.04
CA GLY B 22 0.69 -15.73 -5.01
C GLY B 22 0.56 -16.56 -3.75
N ILE B 23 1.19 -16.06 -2.66
CA ILE B 23 1.23 -16.69 -1.34
C ILE B 23 -0.17 -16.87 -0.75
N THR B 24 -1.02 -15.86 -0.91
CA THR B 24 -2.40 -15.88 -0.40
C THR B 24 -3.18 -17.04 -1.03
N SER B 25 -2.99 -17.28 -2.35
CA SER B 25 -3.62 -18.37 -3.09
C SER B 25 -3.15 -19.71 -2.56
N ARG B 26 -1.83 -19.84 -2.34
CA ARG B 26 -1.20 -21.05 -1.82
C ARG B 26 -1.68 -21.32 -0.39
N ALA B 27 -1.81 -20.26 0.44
CA ALA B 27 -2.28 -20.40 1.82
C ALA B 27 -3.74 -20.83 1.91
N VAL B 28 -4.58 -20.39 0.95
CA VAL B 28 -5.99 -20.82 0.90
C VAL B 28 -6.02 -22.36 0.63
N LYS B 29 -5.33 -22.80 -0.45
CA LYS B 29 -5.18 -24.21 -0.84
C LYS B 29 -4.70 -25.08 0.31
N GLN B 30 -3.70 -24.60 1.10
CA GLN B 30 -3.12 -25.31 2.25
C GLN B 30 -4.02 -25.24 3.48
N GLY B 31 -5.05 -24.40 3.43
CA GLY B 31 -5.95 -24.20 4.54
C GLY B 31 -5.41 -23.34 5.66
N LEU B 32 -4.35 -22.55 5.42
CA LEU B 32 -3.79 -21.64 6.44
C LEU B 32 -4.66 -20.36 6.50
N LEU B 33 -5.21 -19.99 5.34
CA LEU B 33 -6.01 -18.78 5.18
C LEU B 33 -7.40 -19.15 4.65
N THR B 34 -8.42 -18.45 5.16
CA THR B 34 -9.80 -18.53 4.68
C THR B 34 -10.12 -17.10 4.30
N LEU B 35 -10.58 -16.88 3.07
CA LEU B 35 -10.92 -15.56 2.60
C LEU B 35 -12.37 -15.55 2.11
N THR B 36 -13.16 -14.55 2.56
CA THR B 36 -14.57 -14.39 2.21
C THR B 36 -14.84 -12.92 1.99
N CYS B 37 -15.79 -12.62 1.11
CA CYS B 37 -16.21 -11.27 0.73
C CYS B 37 -17.70 -11.03 1.02
N TRP B 38 -18.10 -9.76 1.24
CA TRP B 38 -19.46 -9.39 1.68
C TRP B 38 -19.82 -8.06 1.01
N ASN B 39 -20.61 -8.13 -0.06
CA ASN B 39 -20.98 -6.92 -0.80
C ASN B 39 -22.10 -6.15 -0.09
N PRO B 40 -21.84 -4.90 0.37
CA PRO B 40 -22.88 -4.12 1.07
C PRO B 40 -24.20 -3.90 0.33
N ARG B 41 -24.17 -3.91 -1.02
CA ARG B 41 -25.34 -3.63 -1.83
C ARG B 41 -26.42 -4.75 -1.74
N VAL B 42 -26.00 -5.91 -1.23
CA VAL B 42 -26.83 -7.07 -0.96
C VAL B 42 -27.51 -6.94 0.44
N TYR B 43 -27.26 -5.80 1.12
CA TYR B 43 -27.77 -5.55 2.46
C TYR B 43 -28.47 -4.22 2.55
N THR B 44 -28.92 -3.68 1.42
CA THR B 44 -29.70 -2.46 1.43
C THR B 44 -31.12 -2.85 1.96
N GLU B 45 -31.97 -1.87 2.39
CA GLU B 45 -33.31 -2.20 2.92
C GLU B 45 -34.17 -2.92 1.86
N ASP B 46 -34.15 -2.35 0.65
CA ASP B 46 -34.81 -2.88 -0.52
C ASP B 46 -33.77 -2.77 -1.64
N ARG B 47 -33.92 -3.58 -2.70
CA ARG B 47 -32.99 -3.62 -3.84
C ARG B 47 -32.99 -2.32 -4.70
N HIS B 48 -33.83 -1.30 -4.34
CA HIS B 48 -33.89 0.01 -5.03
C HIS B 48 -33.04 1.10 -4.32
N GLN B 49 -32.47 0.77 -3.15
CA GLN B 49 -31.62 1.68 -2.38
C GLN B 49 -30.14 1.34 -2.62
N THR B 50 -29.35 2.35 -3.05
CA THR B 50 -27.91 2.26 -3.38
C THR B 50 -27.07 2.26 -2.10
N VAL B 51 -25.75 1.98 -2.22
CA VAL B 51 -24.85 1.97 -1.05
C VAL B 51 -24.47 3.39 -0.64
N ASP B 52 -24.41 4.31 -1.59
CA ASP B 52 -24.03 5.69 -1.37
C ASP B 52 -25.25 6.65 -1.32
N ASP B 53 -25.01 7.86 -0.81
CA ASP B 53 -26.01 8.93 -0.70
C ASP B 53 -25.28 10.27 -0.55
N ARG B 54 -25.98 11.39 -0.85
CA ARG B 54 -25.41 12.74 -0.81
C ARG B 54 -24.79 13.10 0.57
N PRO B 55 -23.67 13.86 0.61
CA PRO B 55 -23.11 14.21 1.93
C PRO B 55 -23.92 15.32 2.62
N PHE B 56 -24.04 15.22 3.96
CA PHE B 56 -24.70 16.25 4.74
C PHE B 56 -23.72 17.42 4.85
N GLY B 57 -24.19 18.60 4.47
CA GLY B 57 -23.39 19.81 4.44
C GLY B 57 -22.86 20.11 3.06
N GLY B 58 -23.18 19.22 2.12
CA GLY B 58 -22.77 19.35 0.73
C GLY B 58 -21.31 19.04 0.49
N GLY B 59 -20.80 19.53 -0.63
CA GLY B 59 -19.43 19.33 -1.06
C GLY B 59 -19.34 18.25 -2.14
N PRO B 60 -18.26 18.20 -2.95
CA PRO B 60 -18.19 17.17 -4.00
C PRO B 60 -18.12 15.74 -3.47
N GLY B 61 -18.70 14.83 -4.25
CA GLY B 61 -18.72 13.41 -3.97
C GLY B 61 -19.88 12.92 -3.13
N MET B 62 -20.01 11.58 -3.02
CA MET B 62 -21.04 10.85 -2.26
C MET B 62 -20.42 10.15 -1.05
N VAL B 63 -21.25 9.63 -0.13
CA VAL B 63 -20.81 9.00 1.13
C VAL B 63 -21.53 7.68 1.28
N MET B 64 -20.87 6.67 1.82
CA MET B 64 -21.46 5.37 2.03
C MET B 64 -22.35 5.33 3.27
N LYS B 65 -23.59 4.85 3.05
CA LYS B 65 -24.63 4.71 4.08
C LYS B 65 -24.26 3.67 5.12
N ILE B 66 -24.78 3.85 6.33
CA ILE B 66 -24.48 3.01 7.50
C ILE B 66 -25.15 1.63 7.41
N LYS B 67 -26.48 1.55 7.13
CA LYS B 67 -27.21 0.28 7.11
C LYS B 67 -26.59 -0.79 6.14
N PRO B 68 -26.25 -0.51 4.84
CA PRO B 68 -25.61 -1.57 4.01
C PRO B 68 -24.36 -2.18 4.67
N LEU B 69 -23.43 -1.30 5.15
CA LEU B 69 -22.19 -1.70 5.85
C LEU B 69 -22.46 -2.47 7.11
N GLU B 70 -23.47 -2.02 7.89
CA GLU B 70 -23.91 -2.63 9.14
C GLU B 70 -24.45 -4.04 8.87
N GLY B 71 -25.29 -4.16 7.82
CA GLY B 71 -25.81 -5.44 7.37
C GLY B 71 -24.68 -6.39 6.99
N ALA B 72 -23.77 -5.90 6.12
CA ALA B 72 -22.61 -6.72 5.67
C ALA B 72 -21.76 -7.22 6.83
N LEU B 73 -21.42 -6.29 7.78
CA LEU B 73 -20.63 -6.62 8.98
C LEU B 73 -21.25 -7.70 9.82
N ALA B 74 -22.54 -7.51 10.19
CA ALA B 74 -23.29 -8.46 11.00
C ALA B 74 -23.24 -9.84 10.38
N ASP B 75 -23.45 -9.93 9.05
CA ASP B 75 -23.37 -11.21 8.33
C ASP B 75 -21.97 -11.81 8.35
N ALA B 76 -20.92 -10.98 8.17
CA ALA B 76 -19.54 -11.48 8.24
C ALA B 76 -19.23 -11.99 9.66
N ARG B 77 -19.68 -11.22 10.72
CA ARG B 77 -19.48 -11.61 12.13
C ARG B 77 -20.04 -12.98 12.43
N GLN B 78 -21.28 -13.23 11.97
CA GLN B 78 -21.95 -14.52 12.13
C GLN B 78 -21.09 -15.64 11.51
N ALA B 79 -20.62 -15.45 10.25
CA ALA B 79 -19.79 -16.47 9.59
C ALA B 79 -18.47 -16.79 10.29
N ALA B 80 -17.85 -15.82 10.97
CA ALA B 80 -16.58 -15.98 11.71
C ALA B 80 -16.66 -17.02 12.83
N GLY B 81 -17.86 -17.14 13.40
CA GLY B 81 -18.20 -18.10 14.45
C GLY B 81 -17.70 -17.77 15.84
N GLY B 82 -16.94 -18.72 16.39
CA GLY B 82 -16.34 -18.62 17.72
C GLY B 82 -14.88 -18.20 17.68
N ARG B 83 -14.60 -17.11 16.95
CA ARG B 83 -13.26 -16.52 16.79
C ARG B 83 -13.26 -15.08 17.28
N LYS B 84 -12.14 -14.63 17.86
CA LYS B 84 -12.01 -13.24 18.30
C LYS B 84 -11.75 -12.37 17.05
N ALA B 85 -12.83 -11.74 16.53
CA ALA B 85 -12.78 -10.96 15.31
C ALA B 85 -12.51 -9.49 15.51
N LYS B 86 -11.40 -9.04 14.95
CA LYS B 86 -10.97 -7.65 15.00
C LYS B 86 -11.56 -6.98 13.76
N VAL B 87 -12.24 -5.85 13.94
CA VAL B 87 -12.87 -5.11 12.86
C VAL B 87 -12.05 -3.90 12.49
N ILE B 88 -11.39 -4.00 11.33
CA ILE B 88 -10.52 -2.98 10.80
C ILE B 88 -11.18 -2.21 9.69
N TYR B 89 -11.12 -0.89 9.77
CA TYR B 89 -11.50 -0.03 8.67
C TYR B 89 -10.15 0.45 8.05
N LEU B 90 -9.99 0.29 6.72
CA LEU B 90 -8.78 0.74 6.04
C LEU B 90 -9.00 2.22 5.72
N SER B 91 -8.15 3.12 6.24
CA SER B 91 -8.39 4.57 6.04
C SER B 91 -7.09 5.37 6.12
N PRO B 92 -6.95 6.52 5.41
CA PRO B 92 -5.70 7.30 5.55
C PRO B 92 -5.58 7.97 6.93
N GLN B 93 -6.72 8.04 7.65
CA GLN B 93 -6.85 8.58 9.01
C GLN B 93 -6.45 7.58 10.07
N GLY B 94 -6.18 6.35 9.66
CA GLY B 94 -5.82 5.28 10.60
C GLY B 94 -4.35 5.23 10.94
N ARG B 95 -4.02 4.28 11.80
CA ARG B 95 -2.67 3.98 12.29
C ARG B 95 -1.85 3.46 11.10
N GLN B 96 -0.63 3.99 10.91
CA GLN B 96 0.22 3.52 9.81
C GLN B 96 0.69 2.10 9.98
N LEU B 97 0.45 1.26 8.95
CA LEU B 97 0.91 -0.13 8.92
C LEU B 97 2.43 -0.16 8.81
N THR B 98 3.07 -1.06 9.60
CA THR B 98 4.53 -1.27 9.66
C THR B 98 4.71 -2.78 9.84
N GLN B 99 5.93 -3.29 9.66
CA GLN B 99 6.14 -4.71 9.89
C GLN B 99 5.77 -5.16 11.33
N ALA B 100 5.89 -4.25 12.31
CA ALA B 100 5.53 -4.55 13.72
C ALA B 100 4.00 -4.78 13.82
N GLY B 101 3.22 -3.90 13.20
CA GLY B 101 1.77 -3.99 13.10
C GLY B 101 1.34 -5.28 12.41
N VAL B 102 2.01 -5.62 11.29
CA VAL B 102 1.73 -6.87 10.53
C VAL B 102 1.87 -8.08 11.47
N ARG B 103 2.93 -8.12 12.30
CA ARG B 103 3.22 -9.21 13.25
C ARG B 103 2.11 -9.41 14.29
N GLU B 104 1.49 -8.29 14.72
CA GLU B 104 0.40 -8.22 15.68
C GLU B 104 -0.86 -8.82 15.03
N LEU B 105 -1.28 -8.25 13.86
CA LEU B 105 -2.45 -8.68 13.09
C LEU B 105 -2.39 -10.18 12.74
N ALA B 106 -1.17 -10.72 12.64
CA ALA B 106 -0.92 -12.13 12.35
C ALA B 106 -1.28 -13.06 13.53
N GLU B 107 -1.41 -12.50 14.74
CA GLU B 107 -1.75 -13.23 15.97
C GLU B 107 -3.27 -13.37 16.14
N GLU B 108 -4.04 -12.54 15.40
CA GLU B 108 -5.50 -12.54 15.44
C GLU B 108 -6.06 -13.81 14.80
N GLU B 109 -7.20 -14.30 15.34
CA GLU B 109 -7.88 -15.51 14.90
C GLU B 109 -8.71 -15.23 13.66
N ALA B 110 -9.35 -14.05 13.64
CA ALA B 110 -10.16 -13.60 12.54
C ALA B 110 -10.08 -12.10 12.42
N LEU B 111 -10.14 -11.60 11.17
CA LEU B 111 -10.10 -10.18 10.81
C LEU B 111 -11.24 -9.85 9.85
N ILE B 112 -11.91 -8.70 10.07
CA ILE B 112 -12.97 -8.25 9.19
C ILE B 112 -12.55 -6.89 8.71
N LEU B 113 -12.36 -6.75 7.39
CA LEU B 113 -11.85 -5.53 6.78
C LEU B 113 -12.91 -4.74 6.06
N ILE B 114 -13.00 -3.46 6.36
CA ILE B 114 -13.97 -2.62 5.73
C ILE B 114 -13.24 -1.79 4.71
N ALA B 115 -13.55 -2.04 3.44
CA ALA B 115 -12.98 -1.33 2.32
C ALA B 115 -14.01 -0.34 1.89
N GLY B 116 -13.66 0.93 1.99
CA GLY B 116 -14.58 1.99 1.67
C GLY B 116 -14.40 2.46 0.25
N ARG B 117 -15.43 3.09 -0.27
CA ARG B 117 -15.42 3.69 -1.57
C ARG B 117 -15.98 5.10 -1.45
N TYR B 118 -16.17 5.76 -2.57
CA TYR B 118 -16.69 7.12 -2.63
C TYR B 118 -15.81 8.10 -1.87
N GLU B 119 -16.37 8.95 -1.04
CA GLU B 119 -15.56 9.92 -0.32
C GLU B 119 -15.28 9.48 1.10
N GLY B 120 -15.90 8.41 1.48
CA GLY B 120 -15.72 7.77 2.76
C GLY B 120 -16.99 7.16 3.27
N ILE B 121 -16.94 6.54 4.47
CA ILE B 121 -18.08 5.94 5.13
C ILE B 121 -18.60 6.89 6.24
N ASP B 122 -19.87 6.73 6.66
CA ASP B 122 -20.55 7.55 7.68
C ASP B 122 -19.87 7.36 9.03
N GLU B 123 -19.45 8.47 9.70
CA GLU B 123 -18.75 8.43 11.00
C GLU B 123 -19.39 7.53 12.05
N ARG B 124 -20.74 7.57 12.13
CA ARG B 124 -21.52 6.78 13.06
C ARG B 124 -21.29 5.28 12.93
N PHE B 125 -20.91 4.76 11.70
CA PHE B 125 -20.60 3.32 11.52
C PHE B 125 -19.27 3.04 12.18
N ILE B 126 -18.28 3.96 11.95
CA ILE B 126 -16.91 3.83 12.51
C ILE B 126 -16.99 3.73 14.03
N GLU B 127 -17.68 4.73 14.66
CA GLU B 127 -17.89 4.89 16.11
C GLU B 127 -18.49 3.64 16.75
N GLU B 128 -19.59 3.16 16.17
CA GLU B 128 -20.29 1.98 16.65
C GLU B 128 -19.59 0.67 16.38
N HIS B 129 -19.06 0.47 15.16
CA HIS B 129 -18.55 -0.87 14.80
C HIS B 129 -17.06 -1.06 14.58
N VAL B 130 -16.38 -0.07 14.01
CA VAL B 130 -14.95 -0.20 13.70
C VAL B 130 -14.10 -0.23 14.96
N ASP B 131 -13.36 -1.34 15.16
CA ASP B 131 -12.45 -1.54 16.28
C ASP B 131 -11.18 -0.71 16.09
N GLU B 132 -10.41 -0.98 14.99
CA GLU B 132 -9.15 -0.29 14.70
C GLU B 132 -9.12 0.27 13.29
N GLU B 133 -8.65 1.50 13.14
CA GLU B 133 -8.45 2.10 11.82
C GLU B 133 -6.98 1.86 11.43
N TRP B 134 -6.71 1.51 10.16
CA TRP B 134 -5.34 1.27 9.69
C TRP B 134 -5.09 1.90 8.34
N SER B 135 -3.90 2.48 8.16
CA SER B 135 -3.48 3.11 6.90
C SER B 135 -2.33 2.35 6.33
N ILE B 136 -2.29 2.23 5.00
CA ILE B 136 -1.14 1.58 4.36
C ILE B 136 -0.06 2.65 4.07
N GLY B 137 -0.45 3.93 4.11
CA GLY B 137 0.51 5.01 3.92
C GLY B 137 -0.12 6.37 3.74
N ASP B 138 0.72 7.41 3.68
CA ASP B 138 0.26 8.79 3.57
C ASP B 138 0.00 9.22 2.16
N TYR B 139 -0.96 8.59 1.51
CA TYR B 139 -1.35 8.93 0.13
C TYR B 139 -2.84 8.58 -0.03
N VAL B 140 -3.53 9.23 -0.96
CA VAL B 140 -4.96 8.97 -1.13
C VAL B 140 -5.25 8.00 -2.29
N LEU B 141 -5.95 6.93 -1.96
CA LEU B 141 -6.38 5.96 -2.94
C LEU B 141 -7.88 6.16 -3.16
N SER B 142 -8.39 5.65 -4.29
CA SER B 142 -9.79 5.75 -4.67
C SER B 142 -10.70 4.80 -3.88
N GLY B 143 -10.14 3.82 -3.21
CA GLY B 143 -10.92 2.84 -2.47
C GLY B 143 -10.05 2.03 -1.55
N GLY B 144 -10.65 1.35 -0.59
CA GLY B 144 -9.93 0.54 0.40
C GLY B 144 -9.65 -0.89 0.04
N GLU B 145 -9.86 -1.27 -1.24
CA GLU B 145 -9.63 -2.67 -1.69
C GLU B 145 -8.14 -3.03 -1.81
N LEU B 146 -7.35 -2.16 -2.42
CA LEU B 146 -5.88 -2.43 -2.52
C LEU B 146 -5.24 -2.41 -1.12
N PRO B 147 -5.59 -1.42 -0.24
CA PRO B 147 -5.10 -1.46 1.16
C PRO B 147 -5.44 -2.75 1.89
N ALA B 148 -6.70 -3.22 1.79
CA ALA B 148 -7.13 -4.48 2.41
C ALA B 148 -6.30 -5.65 1.91
N MET B 149 -6.04 -5.69 0.60
CA MET B 149 -5.21 -6.70 -0.06
C MET B 149 -3.75 -6.62 0.38
N VAL B 150 -3.22 -5.40 0.56
CA VAL B 150 -1.83 -5.15 1.01
C VAL B 150 -1.66 -5.80 2.42
N LEU B 151 -2.64 -5.58 3.31
CA LEU B 151 -2.68 -6.10 4.67
C LEU B 151 -2.76 -7.61 4.64
N VAL B 152 -3.69 -8.18 3.84
CA VAL B 152 -3.83 -9.66 3.77
C VAL B 152 -2.50 -10.30 3.31
N ASP B 153 -1.88 -9.73 2.26
CA ASP B 153 -0.62 -10.24 1.70
C ASP B 153 0.51 -10.23 2.75
N ALA B 154 0.70 -9.07 3.41
CA ALA B 154 1.74 -8.90 4.45
C ALA B 154 1.56 -9.89 5.60
N VAL B 155 0.32 -10.09 6.08
CA VAL B 155 0.03 -10.98 7.21
C VAL B 155 0.20 -12.45 6.82
N THR B 156 -0.27 -12.87 5.61
CA THR B 156 -0.14 -14.26 5.13
C THR B 156 1.30 -14.76 5.10
N ARG B 157 2.26 -13.89 4.79
CA ARG B 157 3.70 -14.23 4.78
C ARG B 157 4.20 -14.74 6.13
N LEU B 158 3.60 -14.24 7.23
CA LEU B 158 3.95 -14.57 8.60
C LEU B 158 3.27 -15.83 9.13
N LEU B 159 2.34 -16.41 8.35
CA LEU B 159 1.63 -17.61 8.78
C LEU B 159 2.58 -18.80 8.66
N PRO B 160 2.69 -19.63 9.71
CA PRO B 160 3.64 -20.76 9.65
C PRO B 160 3.33 -21.71 8.50
N GLY B 161 4.38 -22.06 7.76
CA GLY B 161 4.29 -22.93 6.58
C GLY B 161 3.84 -22.25 5.30
N ALA B 162 3.66 -20.91 5.32
CA ALA B 162 3.23 -20.15 4.13
C ALA B 162 4.37 -19.81 3.15
N LEU B 163 5.60 -19.65 3.66
CA LEU B 163 6.77 -19.33 2.85
C LEU B 163 7.53 -20.58 2.39
N ASP B 172 15.87 -10.19 5.83
CA ASP B 172 14.59 -9.55 5.50
C ASP B 172 14.55 -8.09 5.99
N SER B 173 13.73 -7.25 5.32
CA SER B 173 13.56 -5.83 5.65
C SER B 173 12.64 -5.67 6.87
N PHE B 174 12.99 -4.73 7.78
CA PHE B 174 12.29 -4.36 9.04
C PHE B 174 12.13 -5.51 10.07
N THR B 175 12.79 -6.67 9.82
CA THR B 175 12.79 -7.81 10.76
C THR B 175 13.79 -7.49 11.87
N ASP B 176 14.78 -6.64 11.53
CA ASP B 176 15.83 -6.14 12.39
C ASP B 176 15.79 -4.60 12.47
N GLY B 177 14.79 -4.00 11.83
CA GLY B 177 14.63 -2.55 11.78
C GLY B 177 15.54 -1.87 10.76
N LEU B 178 16.12 -2.67 9.85
CA LEU B 178 17.01 -2.17 8.81
C LEU B 178 16.52 -2.58 7.42
N LEU B 179 16.96 -1.82 6.40
CA LEU B 179 16.72 -2.11 5.00
C LEU B 179 17.53 -3.34 4.65
N ASP B 180 17.15 -4.09 3.61
CA ASP B 180 17.88 -5.32 3.30
C ASP B 180 19.15 -4.99 2.56
N CYS B 181 20.05 -5.96 2.48
CA CYS B 181 21.30 -5.85 1.73
C CYS B 181 21.00 -6.09 0.22
N PRO B 182 21.89 -5.71 -0.74
CA PRO B 182 21.62 -6.03 -2.15
C PRO B 182 21.67 -7.53 -2.42
N HIS B 183 21.00 -7.97 -3.50
CA HIS B 183 20.91 -9.38 -3.87
C HIS B 183 21.58 -9.62 -5.19
N TYR B 184 22.18 -10.81 -5.35
CA TYR B 184 22.90 -11.13 -6.58
C TYR B 184 22.67 -12.58 -6.97
N THR B 185 22.55 -12.82 -8.26
CA THR B 185 22.39 -14.20 -8.78
C THR B 185 23.24 -14.37 -10.06
N ARG B 186 23.17 -15.54 -10.72
CA ARG B 186 23.93 -15.85 -11.94
C ARG B 186 23.64 -14.90 -13.10
N PRO B 187 24.64 -14.56 -13.95
CA PRO B 187 26.05 -15.02 -13.96
C PRO B 187 26.95 -14.19 -13.05
N GLU B 188 28.19 -14.68 -12.80
CA GLU B 188 29.18 -13.96 -12.01
C GLU B 188 29.47 -12.54 -12.59
N VAL B 189 29.36 -12.35 -13.94
CA VAL B 189 29.57 -11.03 -14.60
C VAL B 189 28.38 -10.69 -15.52
N TYR B 190 27.81 -9.49 -15.38
CA TYR B 190 26.72 -9.02 -16.22
C TYR B 190 26.85 -7.51 -16.43
N ALA B 191 26.79 -7.04 -17.70
CA ALA B 191 26.91 -5.63 -18.10
C ALA B 191 28.17 -4.96 -17.50
N ASP B 192 29.32 -5.70 -17.53
CA ASP B 192 30.64 -5.32 -16.97
C ASP B 192 30.68 -5.27 -15.43
N LYS B 193 29.57 -5.62 -14.75
CA LYS B 193 29.49 -5.59 -13.29
C LYS B 193 29.62 -7.02 -12.76
N ARG B 194 30.52 -7.22 -11.82
CA ARG B 194 30.76 -8.53 -11.23
C ARG B 194 30.15 -8.62 -9.84
N VAL B 195 29.77 -9.84 -9.39
CA VAL B 195 29.22 -10.08 -8.06
C VAL B 195 30.29 -9.76 -6.99
N PRO B 196 29.98 -9.01 -5.88
CA PRO B 196 31.00 -8.80 -4.84
C PRO B 196 31.70 -10.12 -4.51
N GLU B 197 33.04 -10.13 -4.62
CA GLU B 197 33.91 -11.29 -4.43
C GLU B 197 33.65 -12.03 -3.14
N VAL B 198 33.32 -11.31 -2.07
CA VAL B 198 32.96 -11.94 -0.78
C VAL B 198 31.77 -12.93 -0.95
N LEU B 199 30.86 -12.66 -1.93
CA LEU B 199 29.71 -13.53 -2.13
C LEU B 199 30.06 -14.79 -2.90
N LEU B 200 31.18 -14.72 -3.67
CA LEU B 200 31.72 -15.82 -4.47
C LEU B 200 32.76 -16.65 -3.74
N SER B 201 33.68 -16.00 -3.02
CA SER B 201 34.81 -16.63 -2.34
C SER B 201 34.93 -16.30 -0.84
N GLY B 202 33.81 -16.22 -0.14
CA GLY B 202 33.80 -15.92 1.28
C GLY B 202 33.25 -17.03 2.15
N ASN B 203 33.57 -16.94 3.45
CA ASN B 203 33.05 -17.86 4.46
C ASN B 203 31.75 -17.24 4.98
N HIS B 204 30.96 -17.98 5.76
CA HIS B 204 29.69 -17.48 6.28
C HIS B 204 29.82 -16.24 7.17
N GLU B 205 30.96 -16.10 7.90
CA GLU B 205 31.22 -14.95 8.77
C GLU B 205 31.56 -13.69 7.96
N HIS B 206 32.21 -13.87 6.79
CA HIS B 206 32.57 -12.79 5.88
C HIS B 206 31.30 -12.26 5.24
N ILE B 207 30.45 -13.20 4.75
CA ILE B 207 29.18 -12.94 4.11
C ILE B 207 28.20 -12.29 5.12
N ARG B 208 28.17 -12.76 6.40
CA ARG B 208 27.33 -12.16 7.45
C ARG B 208 27.71 -10.71 7.75
N ARG B 209 29.02 -10.43 7.89
CA ARG B 209 29.48 -9.07 8.16
C ARG B 209 29.25 -8.13 6.96
N TRP B 210 29.50 -8.60 5.72
CA TRP B 210 29.24 -7.78 4.51
C TRP B 210 27.72 -7.46 4.37
N ARG B 211 26.85 -8.44 4.66
CA ARG B 211 25.39 -8.26 4.60
C ARG B 211 24.89 -7.27 5.67
N LEU B 212 25.32 -7.40 6.94
CA LEU B 212 24.95 -6.45 8.01
C LEU B 212 25.44 -5.02 7.68
N GLN B 213 26.68 -4.90 7.18
CA GLN B 213 27.28 -3.62 6.83
C GLN B 213 26.53 -2.94 5.68
N GLN B 214 26.16 -3.73 4.66
CA GLN B 214 25.39 -3.26 3.50
C GLN B 214 24.01 -2.83 3.97
N ALA B 215 23.33 -3.67 4.79
CA ALA B 215 22.05 -3.30 5.39
C ALA B 215 22.18 -1.98 6.20
N LEU B 216 23.22 -1.82 7.07
CA LEU B 216 23.37 -0.57 7.87
C LEU B 216 23.58 0.66 6.97
N GLY B 217 24.49 0.55 6.01
CA GLY B 217 24.84 1.65 5.10
C GLY B 217 23.69 2.07 4.23
N ARG B 218 22.94 1.08 3.67
CA ARG B 218 21.75 1.39 2.85
C ARG B 218 20.68 2.08 3.72
N THR B 219 20.49 1.60 4.95
CA THR B 219 19.58 2.28 5.91
C THR B 219 20.07 3.71 6.23
N TRP B 220 21.38 3.89 6.41
CA TRP B 220 21.95 5.21 6.72
C TRP B 220 21.79 6.19 5.55
N GLU B 221 21.99 5.69 4.34
CA GLU B 221 21.89 6.50 3.12
C GLU B 221 20.49 6.90 2.81
N ARG B 222 19.54 5.94 2.85
CA ARG B 222 18.15 6.12 2.42
C ARG B 222 17.15 6.40 3.51
N ARG B 223 17.28 5.75 4.67
CA ARG B 223 16.29 5.86 5.73
C ARG B 223 16.91 6.07 7.10
N ALA B 224 17.65 7.19 7.28
CA ALA B 224 18.31 7.54 8.54
C ALA B 224 17.33 7.55 9.73
N ASP B 225 16.04 7.87 9.47
CA ASP B 225 14.97 7.84 10.48
C ASP B 225 14.85 6.46 11.12
N LEU B 226 15.16 5.37 10.36
CA LEU B 226 15.11 4.02 10.92
C LEU B 226 16.22 3.77 11.93
N LEU B 227 17.33 4.55 11.84
CA LEU B 227 18.48 4.46 12.74
C LEU B 227 18.26 5.25 14.04
N ASP B 228 17.66 6.46 13.95
CA ASP B 228 17.34 7.31 15.09
C ASP B 228 16.44 6.60 16.13
N SER B 229 15.69 5.56 15.69
CA SER B 229 14.79 4.74 16.53
C SER B 229 15.33 3.29 16.71
N ARG B 230 16.65 3.09 16.52
CA ARG B 230 17.29 1.78 16.65
C ARG B 230 18.65 1.95 17.35
N SER B 231 18.97 1.02 18.27
CA SER B 231 20.23 1.06 19.01
C SER B 231 21.33 0.33 18.24
N LEU B 232 22.39 1.07 17.87
CA LEU B 232 23.53 0.50 17.15
C LEU B 232 24.52 -0.11 18.13
N SER B 233 24.82 -1.41 17.95
CA SER B 233 25.82 -2.12 18.77
C SER B 233 27.24 -1.57 18.50
N GLY B 234 28.25 -2.12 19.18
CA GLY B 234 29.63 -1.72 19.00
C GLY B 234 30.10 -2.07 17.59
N GLU B 235 29.81 -3.32 17.18
CA GLU B 235 30.14 -3.91 15.89
C GLU B 235 29.53 -3.08 14.75
N GLU B 236 28.20 -2.84 14.85
CA GLU B 236 27.40 -2.09 13.89
C GLU B 236 27.87 -0.67 13.72
N GLN B 237 28.26 0.01 14.81
CA GLN B 237 28.74 1.40 14.74
C GLN B 237 30.01 1.46 13.91
N LYS B 238 30.83 0.41 14.04
CA LYS B 238 32.12 0.23 13.37
C LYS B 238 31.95 -0.21 11.91
N LEU B 239 30.97 -1.09 11.64
CA LEU B 239 30.65 -1.57 10.27
C LEU B 239 30.09 -0.42 9.47
N LEU B 240 29.27 0.40 10.13
CA LEU B 240 28.67 1.57 9.53
C LEU B 240 29.67 2.67 9.22
N ALA B 241 30.53 3.02 10.20
CA ALA B 241 31.56 4.08 10.06
C ALA B 241 32.47 3.73 8.88
N GLU B 242 32.82 2.45 8.75
CA GLU B 242 33.62 1.92 7.65
C GLU B 242 32.88 2.05 6.30
N TYR B 243 31.57 1.74 6.25
CA TYR B 243 30.74 1.83 5.02
C TYR B 243 30.73 3.27 4.52
N ILE B 244 30.44 4.20 5.43
CA ILE B 244 30.41 5.62 5.15
C ILE B 244 31.72 6.07 4.48
N ARG B 245 32.88 5.73 5.08
CA ARG B 245 34.22 6.12 4.61
C ARG B 245 34.63 5.40 3.32
N GLN B 246 34.06 4.23 3.04
CA GLN B 246 34.40 3.46 1.83
C GLN B 246 33.32 3.56 0.72
N ARG B 247 32.24 4.37 0.94
CA ARG B 247 31.05 4.59 0.07
C ARG B 247 31.41 4.56 -1.42
N ASP B 248 32.19 5.57 -1.88
CA ASP B 248 32.75 5.84 -3.22
C ASP B 248 32.86 7.33 -3.51
#